data_6YP1
#
_entry.id   6YP1
#
_cell.length_a   92.310
_cell.length_b   92.310
_cell.length_c   100.810
_cell.angle_alpha   90.000
_cell.angle_beta   90.000
_cell.angle_gamma   90.000
#
_symmetry.space_group_name_H-M   'P 42 21 2'
#
loop_
_entity.id
_entity.type
_entity.pdbx_description
1 polymer 'Endoglucanase 1'
2 non-polymer GLYCEROL
3 non-polymer 'SULFATE ION'
4 non-polymer ACETAMIDE
5 non-polymer 2-acetamido-2-deoxy-beta-D-glucopyranose
6 water water
#
_entity_poly.entity_id   1
_entity_poly.type   'polypeptide(L)'
_entity_poly.pdbx_seq_one_letter_code
;(PCA)KPGETKEVHPQLTTFRCTKRGGCKPATNFIVLDSLSHPIHRAEGLGPGGCGDWGNPPPKDVCPDVESCAKNCIME
GIPDYSQYGVTTNGTSLRLQHILPDGRVPSPRVYLLDKTKRRYEMLHLTGFEFTFDVDATKLPCGMNSALYLSEMHPTGA
KSKYNPGGAYYGTGYCDAQCFVTPFINGLGNIEGKGSCCNEMDIWEANSRASHVAPHTCNKKGLYLCEGEECAFEGVCDK
NGCGWNNYRVNVTDYYGRGEEFKVNTLKPFTVVTQFLANRRGKLEKIHRFYVQDGKVIESFYTNKEGVPYTNMIDDEFCE
ATGSRKYMELGATQGMGEALTRGMVLAMSIWWDQGGNMEWLDHGEAGPCAKGEGAPSNIVQVEPFPEVTYTNLRWGEIGS
TYQELQ
;
_entity_poly.pdbx_strand_id   AAA
#
# COMPACT_ATOMS: atom_id res chain seq x y z
N LYS A 2 23.72 -7.93 2.02
CA LYS A 2 24.75 -7.03 1.57
C LYS A 2 24.52 -6.61 0.12
N PRO A 3 24.60 -5.30 -0.18
CA PRO A 3 24.46 -4.91 -1.61
C PRO A 3 25.56 -5.54 -2.47
N GLY A 4 25.16 -5.98 -3.64
CA GLY A 4 26.08 -6.47 -4.67
C GLY A 4 26.59 -5.38 -5.58
N GLU A 5 27.20 -5.82 -6.65
CA GLU A 5 27.82 -4.86 -7.60
C GLU A 5 26.84 -4.29 -8.62
N THR A 6 25.74 -4.94 -8.90
CA THR A 6 24.86 -4.49 -10.00
C THR A 6 24.25 -3.16 -9.64
N LYS A 7 24.21 -2.25 -10.58
CA LYS A 7 23.66 -0.89 -10.41
C LYS A 7 22.14 -0.94 -10.13
N GLU A 8 21.71 -0.13 -9.17
CA GLU A 8 20.28 0.14 -8.91
C GLU A 8 19.93 1.39 -9.67
N VAL A 9 18.97 1.34 -10.58
CA VAL A 9 18.56 2.49 -11.38
C VAL A 9 17.11 2.80 -11.01
N HIS A 10 16.92 3.73 -10.06
CA HIS A 10 15.57 4.05 -9.58
C HIS A 10 14.82 4.87 -10.61
N PRO A 11 13.58 4.51 -10.95
CA PRO A 11 12.77 5.42 -11.77
C PRO A 11 12.52 6.75 -11.02
N GLN A 12 12.58 7.82 -11.79
CA GLN A 12 12.28 9.17 -11.31
C GLN A 12 10.79 9.43 -11.45
N LEU A 13 10.20 10.07 -10.44
CA LEU A 13 8.77 10.41 -10.44
C LEU A 13 8.61 11.81 -9.93
N THR A 14 7.98 12.67 -10.71
CA THR A 14 7.64 14.03 -10.28
C THR A 14 6.33 13.99 -9.56
N THR A 15 6.29 14.56 -8.36
CA THR A 15 5.12 14.66 -7.49
C THR A 15 4.88 16.14 -7.16
N PHE A 16 3.92 16.42 -6.29
CA PHE A 16 3.63 17.82 -5.96
C PHE A 16 3.41 18.00 -4.46
N ARG A 17 3.71 19.22 -4.04
CA ARG A 17 3.38 19.71 -2.69
C ARG A 17 2.42 20.89 -2.87
N CYS A 18 1.33 20.91 -2.12
CA CYS A 18 0.22 21.83 -2.41
C CYS A 18 -0.12 22.67 -1.20
N THR A 19 -0.44 23.96 -1.47
CA THR A 19 -1.00 24.86 -0.47
C THR A 19 -2.09 25.67 -1.14
N LYS A 20 -2.99 26.23 -0.32
CA LYS A 20 -4.04 27.07 -0.93
C LYS A 20 -3.45 28.29 -1.62
N ARG A 21 -2.49 28.96 -1.00
CA ARG A 21 -1.98 30.23 -1.57
C ARG A 21 -1.03 29.93 -2.71
N GLY A 22 -0.30 28.82 -2.66
CA GLY A 22 0.81 28.58 -3.64
C GLY A 22 0.45 27.58 -4.76
N GLY A 23 -0.71 26.91 -4.65
CA GLY A 23 -1.02 25.86 -5.60
C GLY A 23 -0.11 24.66 -5.42
N CYS A 24 0.01 23.86 -6.47
CA CYS A 24 0.78 22.60 -6.46
C CYS A 24 2.11 22.84 -7.13
N LYS A 25 3.16 22.60 -6.39
CA LYS A 25 4.52 22.84 -6.85
C LYS A 25 5.24 21.54 -7.06
N PRO A 26 5.92 21.31 -8.18
CA PRO A 26 6.51 20.01 -8.46
C PRO A 26 7.73 19.75 -7.60
N ALA A 27 7.96 18.46 -7.35
CA ALA A 27 9.06 17.96 -6.54
C ALA A 27 9.61 16.69 -7.19
N THR A 28 10.85 16.39 -6.95
CA THR A 28 11.48 15.19 -7.47
C THR A 28 11.45 14.08 -6.40
N ASN A 29 10.99 12.91 -6.80
CA ASN A 29 11.06 11.70 -6.00
C ASN A 29 11.57 10.57 -6.87
N PHE A 30 11.85 9.44 -6.19
CA PHE A 30 12.32 8.23 -6.87
C PHE A 30 11.49 7.04 -6.37
N ILE A 31 11.55 5.97 -7.12
CA ILE A 31 10.76 4.75 -6.82
C ILE A 31 11.73 3.62 -6.55
N VAL A 32 11.47 2.83 -5.49
CA VAL A 32 12.30 1.65 -5.16
C VAL A 32 11.43 0.43 -4.92
N LEU A 33 11.86 -0.69 -5.52
CA LEU A 33 11.21 -1.98 -5.30
C LEU A 33 11.54 -2.51 -3.91
N ASP A 34 10.63 -3.31 -3.36
CA ASP A 34 10.93 -3.95 -2.07
C ASP A 34 12.29 -4.65 -2.16
N SER A 35 13.02 -4.60 -1.02
CA SER A 35 14.34 -5.24 -0.96
C SER A 35 14.30 -6.69 -1.40
N LEU A 36 13.32 -7.46 -0.91
CA LEU A 36 13.29 -8.91 -1.14
C LEU A 36 12.77 -9.27 -2.54
N SER A 37 12.40 -8.29 -3.31
CA SER A 37 12.12 -8.47 -4.75
C SER A 37 13.37 -8.26 -5.60
N HIS A 38 14.42 -7.70 -5.00
CA HIS A 38 15.70 -7.67 -5.72
C HIS A 38 16.28 -9.06 -5.77
N PRO A 39 17.15 -9.38 -6.76
CA PRO A 39 17.80 -10.67 -6.76
C PRO A 39 18.65 -10.84 -5.52
N ILE A 40 18.50 -11.98 -4.86
CA ILE A 40 19.29 -12.26 -3.63
C ILE A 40 19.96 -13.61 -3.85
N HIS A 41 21.29 -13.66 -3.72
CA HIS A 41 22.07 -14.87 -3.92
C HIS A 41 23.11 -14.95 -2.82
N ARG A 42 23.88 -16.01 -2.81
CA ARG A 42 24.92 -16.21 -1.80
C ARG A 42 26.21 -15.58 -2.24
N ALA A 43 27.06 -15.25 -1.26
CA ALA A 43 28.35 -14.68 -1.55
C ALA A 43 29.21 -15.65 -2.36
N GLU A 44 30.24 -15.09 -2.99
CA GLU A 44 31.15 -15.88 -3.80
C GLU A 44 31.80 -16.90 -2.92
N GLY A 45 31.86 -18.14 -3.41
CA GLY A 45 32.43 -19.24 -2.69
C GLY A 45 31.41 -20.06 -1.97
N LEU A 46 30.17 -19.60 -1.84
CA LEU A 46 29.18 -20.31 -1.01
C LEU A 46 28.16 -21.04 -1.86
N GLY A 47 28.33 -21.08 -3.16
CA GLY A 47 27.50 -21.95 -4.03
C GLY A 47 26.18 -21.35 -4.39
N PRO A 48 25.32 -22.17 -4.99
CA PRO A 48 24.05 -21.71 -5.53
C PRO A 48 22.99 -21.56 -4.45
N GLY A 49 21.91 -20.89 -4.81
CA GLY A 49 20.80 -20.77 -3.86
C GLY A 49 20.65 -19.36 -3.40
N GLY A 50 19.50 -19.11 -2.82
CA GLY A 50 19.15 -17.86 -2.22
C GLY A 50 19.29 -17.95 -0.71
N CYS A 51 18.63 -16.99 -0.18
CA CYS A 51 18.68 -16.74 1.26
CA CYS A 51 18.69 -16.67 1.22
C CYS A 51 17.28 -16.68 1.82
N GLY A 52 16.41 -17.55 1.34
CA GLY A 52 15.15 -17.77 1.99
C GLY A 52 13.98 -17.29 1.17
N ASP A 53 12.85 -17.89 1.45
CA ASP A 53 11.50 -17.75 0.89
CA ASP A 53 11.63 -17.39 0.78
C ASP A 53 10.65 -16.87 1.83
N TRP A 54 9.68 -16.20 1.30
CA TRP A 54 8.69 -15.53 2.09
C TRP A 54 8.09 -16.51 3.11
N GLY A 55 7.86 -16.07 4.32
CA GLY A 55 7.13 -16.87 5.31
C GLY A 55 8.02 -17.57 6.31
N ASN A 56 9.35 -17.51 6.17
CA ASN A 56 10.31 -18.38 6.88
CA ASN A 56 10.22 -18.29 7.06
C ASN A 56 11.52 -17.58 7.28
N PRO A 57 12.27 -18.03 8.30
CA PRO A 57 13.62 -17.56 8.52
C PRO A 57 14.52 -17.87 7.33
N PRO A 58 15.63 -17.17 7.18
CA PRO A 58 16.59 -17.51 6.15
C PRO A 58 17.32 -18.83 6.49
N PRO A 59 17.89 -19.50 5.49
CA PRO A 59 18.52 -20.80 5.73
C PRO A 59 19.75 -20.67 6.61
N LYS A 60 19.86 -21.62 7.55
CA LYS A 60 20.89 -21.55 8.61
C LYS A 60 22.28 -22.01 8.15
N ASP A 61 22.38 -22.56 6.97
CA ASP A 61 23.71 -22.87 6.38
C ASP A 61 24.48 -21.56 6.11
N VAL A 62 23.82 -20.53 5.63
CA VAL A 62 24.43 -19.21 5.39
C VAL A 62 24.03 -18.18 6.45
N CYS A 63 22.90 -18.39 7.11
CA CYS A 63 22.37 -17.43 8.10
C CYS A 63 22.13 -18.07 9.46
N PRO A 64 23.21 -18.58 10.11
CA PRO A 64 23.06 -19.08 11.49
C PRO A 64 22.84 -17.95 12.50
N ASP A 65 23.27 -16.75 12.15
CA ASP A 65 23.21 -15.57 12.98
C ASP A 65 23.20 -14.35 12.06
N VAL A 66 22.88 -13.18 12.62
CA VAL A 66 22.75 -11.95 11.83
C VAL A 66 24.06 -11.59 11.16
N GLU A 67 25.19 -11.69 11.87
CA GLU A 67 26.45 -11.27 11.31
C GLU A 67 26.79 -12.10 10.08
N SER A 68 26.60 -13.40 10.16
CA SER A 68 26.91 -14.29 9.03
C SER A 68 25.98 -14.02 7.86
N CYS A 69 24.71 -13.86 8.14
CA CYS A 69 23.75 -13.61 7.08
C CYS A 69 24.09 -12.33 6.29
N ALA A 70 24.58 -11.33 7.05
CA ALA A 70 24.89 -10.01 6.51
C ALA A 70 26.05 -10.08 5.50
N LYS A 71 26.95 -11.03 5.65
CA LYS A 71 28.09 -11.19 4.74
C LYS A 71 27.82 -12.23 3.69
N ASN A 72 26.95 -13.19 3.98
CA ASN A 72 26.79 -14.37 3.13
C ASN A 72 25.66 -14.24 2.11
N CYS A 73 24.78 -13.28 2.29
CA CYS A 73 23.65 -13.06 1.40
C CYS A 73 23.79 -11.71 0.73
N ILE A 74 23.69 -11.72 -0.58
CA ILE A 74 23.97 -10.55 -1.43
C ILE A 74 22.71 -10.15 -2.17
N MET A 75 22.40 -8.87 -2.10
CA MET A 75 21.20 -8.27 -2.73
C MET A 75 21.70 -7.40 -3.90
N GLU A 76 21.29 -7.77 -5.13
CA GLU A 76 21.72 -7.06 -6.31
C GLU A 76 20.83 -5.88 -6.63
N GLY A 77 21.44 -4.80 -7.12
CA GLY A 77 20.66 -3.73 -7.71
C GLY A 77 19.94 -4.20 -8.96
N ILE A 78 18.86 -3.48 -9.25
CA ILE A 78 18.05 -3.65 -10.45
C ILE A 78 18.32 -2.52 -11.41
N PRO A 79 18.94 -2.78 -12.58
CA PRO A 79 19.25 -1.69 -13.49
C PRO A 79 18.09 -1.34 -14.43
N ASP A 80 17.11 -2.19 -14.52
CA ASP A 80 15.94 -2.00 -15.44
C ASP A 80 14.68 -2.42 -14.71
N TYR A 81 14.03 -1.43 -14.09
CA TYR A 81 12.82 -1.71 -13.33
C TYR A 81 11.67 -2.20 -14.18
N SER A 82 11.71 -1.97 -15.49
CA SER A 82 10.65 -2.47 -16.36
C SER A 82 10.55 -4.01 -16.35
N GLN A 83 11.65 -4.68 -16.01
CA GLN A 83 11.66 -6.14 -15.91
C GLN A 83 10.82 -6.61 -14.75
N TYR A 84 10.44 -5.73 -13.88
CA TYR A 84 9.58 -6.02 -12.70
C TYR A 84 8.22 -5.34 -12.82
N GLY A 85 7.89 -4.87 -14.02
CA GLY A 85 6.59 -4.22 -14.24
C GLY A 85 6.49 -2.82 -13.68
N VAL A 86 7.62 -2.15 -13.47
CA VAL A 86 7.60 -0.78 -12.87
C VAL A 86 8.21 0.19 -13.85
N THR A 87 7.45 1.20 -14.25
CA THR A 87 7.94 2.26 -15.12
C THR A 87 7.35 3.56 -14.64
N THR A 88 8.06 4.66 -14.93
CA THR A 88 7.52 6.01 -14.71
C THR A 88 7.62 6.83 -15.98
N ASN A 89 6.77 7.85 -16.00
CA ASN A 89 6.69 8.74 -17.15
C ASN A 89 6.18 10.06 -16.62
N GLY A 90 7.06 11.04 -16.44
CA GLY A 90 6.61 12.32 -15.90
C GLY A 90 6.14 12.18 -14.48
N THR A 91 4.85 12.45 -14.28
CA THR A 91 4.20 12.32 -12.98
C THR A 91 3.45 10.99 -12.84
N SER A 92 3.61 10.06 -13.78
CA SER A 92 2.88 8.80 -13.74
C SER A 92 3.79 7.63 -13.34
N LEU A 93 3.22 6.72 -12.55
CA LEU A 93 3.82 5.43 -12.18
C LEU A 93 2.88 4.34 -12.67
N ARG A 94 3.43 3.45 -13.50
CA ARG A 94 2.70 2.30 -14.06
C ARG A 94 3.21 1.03 -13.37
N LEU A 95 2.26 0.26 -12.81
CA LEU A 95 2.57 -1.04 -12.21
C LEU A 95 1.84 -2.12 -12.98
N GLN A 96 2.61 -2.98 -13.62
CA GLN A 96 2.09 -4.11 -14.40
C GLN A 96 2.17 -5.38 -13.53
N HIS A 97 1.05 -6.05 -13.35
CA HIS A 97 1.02 -7.28 -12.53
C HIS A 97 1.65 -8.45 -13.28
N ILE A 98 1.34 -8.55 -14.57
CA ILE A 98 1.77 -9.62 -15.47
C ILE A 98 2.45 -8.97 -16.66
N LEU A 99 3.57 -9.52 -17.08
CA LEU A 99 4.31 -9.02 -18.24
C LEU A 99 4.01 -9.89 -19.45
N PRO A 100 4.30 -9.36 -20.65
CA PRO A 100 4.10 -10.16 -21.87
C PRO A 100 4.96 -11.43 -21.87
N ASP A 101 6.09 -11.50 -21.21
CA ASP A 101 6.95 -12.71 -21.16
C ASP A 101 6.29 -13.76 -20.28
N GLY A 102 5.16 -13.47 -19.59
CA GLY A 102 4.49 -14.45 -18.73
C GLY A 102 4.84 -14.35 -17.29
N ARG A 103 5.81 -13.55 -16.92
CA ARG A 103 6.16 -13.37 -15.51
C ARG A 103 5.04 -12.59 -14.82
N VAL A 104 4.93 -12.81 -13.53
CA VAL A 104 3.95 -12.16 -12.66
C VAL A 104 4.73 -11.43 -11.58
N PRO A 105 5.34 -10.28 -11.90
CA PRO A 105 6.18 -9.62 -10.90
C PRO A 105 5.38 -9.04 -9.73
N SER A 106 4.09 -8.70 -9.91
CA SER A 106 3.28 -8.19 -8.79
C SER A 106 4.06 -7.18 -7.96
N PRO A 107 4.55 -6.08 -8.56
CA PRO A 107 5.48 -5.23 -7.85
C PRO A 107 4.87 -4.49 -6.68
N ARG A 108 5.74 -4.28 -5.65
CA ARG A 108 5.49 -3.38 -4.54
C ARG A 108 6.70 -2.44 -4.47
N VAL A 109 6.39 -1.12 -4.47
CA VAL A 109 7.41 -0.09 -4.47
C VAL A 109 7.11 0.92 -3.36
N TYR A 110 8.17 1.67 -3.01
CA TYR A 110 8.11 2.78 -2.05
C TYR A 110 8.59 4.05 -2.69
N LEU A 111 8.13 5.20 -2.10
CA LEU A 111 8.56 6.50 -2.59
C LEU A 111 9.79 6.99 -1.80
N LEU A 112 10.90 7.16 -2.50
CA LEU A 112 12.13 7.74 -1.96
C LEU A 112 12.15 9.26 -2.13
N ASP A 113 12.81 9.91 -1.19
CA ASP A 113 13.10 11.35 -1.34
C ASP A 113 14.12 11.56 -2.43
N LYS A 114 14.40 12.83 -2.70
CA LYS A 114 15.21 13.22 -3.85
C LYS A 114 16.67 12.76 -3.71
N THR A 115 17.10 12.35 -2.51
CA THR A 115 18.45 11.87 -2.30
C THR A 115 18.60 10.39 -2.64
N LYS A 116 17.50 9.66 -2.77
CA LYS A 116 17.45 8.21 -2.99
C LYS A 116 17.84 7.39 -1.76
N ARG A 117 18.15 8.03 -0.62
CA ARG A 117 18.72 7.35 0.54
C ARG A 117 17.83 7.42 1.74
N ARG A 118 16.65 7.98 1.62
CA ARG A 118 15.69 8.07 2.73
C ARG A 118 14.31 8.06 2.08
N TYR A 119 13.36 7.36 2.68
CA TYR A 119 12.01 7.43 2.17
C TYR A 119 11.48 8.82 2.36
N GLU A 120 10.58 9.22 1.45
CA GLU A 120 9.79 10.46 1.61
C GLU A 120 8.80 10.28 2.74
N MET A 121 9.02 10.91 3.84
CA MET A 121 8.17 10.68 5.04
C MET A 121 6.98 11.62 4.99
N LEU A 122 5.79 11.05 4.95
CA LEU A 122 4.56 11.81 4.89
C LEU A 122 3.99 11.96 6.28
N HIS A 123 3.52 13.18 6.61
CA HIS A 123 2.97 13.50 7.92
C HIS A 123 1.58 14.07 7.67
N LEU A 124 0.57 13.22 7.59
CA LEU A 124 -0.70 13.62 6.95
C LEU A 124 -1.82 14.00 7.90
N THR A 125 -1.69 13.83 9.21
CA THR A 125 -2.78 14.26 10.12
C THR A 125 -2.95 15.75 9.95
N GLY A 126 -4.17 16.18 9.61
CA GLY A 126 -4.48 17.57 9.35
C GLY A 126 -4.24 18.03 7.91
N PHE A 127 -3.98 17.08 7.02
CA PHE A 127 -3.62 17.36 5.62
C PHE A 127 -4.40 16.42 4.70
N GLU A 128 -4.14 16.56 3.41
CA GLU A 128 -4.82 15.71 2.42
C GLU A 128 -3.79 15.14 1.45
N PHE A 129 -4.09 13.95 0.96
CA PHE A 129 -3.28 13.24 -0.03
C PHE A 129 -4.19 12.94 -1.20
N THR A 130 -3.72 13.20 -2.40
CA THR A 130 -4.54 13.05 -3.61
C THR A 130 -3.70 12.41 -4.71
N PHE A 131 -4.39 11.65 -5.56
CA PHE A 131 -3.73 11.10 -6.74
C PHE A 131 -4.78 10.90 -7.83
N ASP A 132 -4.30 10.76 -9.04
CA ASP A 132 -5.13 10.36 -10.18
C ASP A 132 -4.87 8.91 -10.49
N VAL A 133 -5.90 8.22 -11.00
CA VAL A 133 -5.75 6.77 -11.25
C VAL A 133 -6.46 6.39 -12.52
N ASP A 134 -5.92 5.35 -13.16
CA ASP A 134 -6.55 4.60 -14.23
C ASP A 134 -6.72 3.16 -13.72
N ALA A 135 -7.97 2.81 -13.44
CA ALA A 135 -8.33 1.51 -12.88
C ALA A 135 -8.95 0.57 -13.90
N THR A 136 -8.95 0.93 -15.18
CA THR A 136 -9.71 0.17 -16.19
C THR A 136 -9.24 -1.27 -16.30
N LYS A 137 -7.97 -1.55 -16.13
CA LYS A 137 -7.41 -2.87 -16.36
CA LYS A 137 -7.42 -2.87 -16.35
C LYS A 137 -7.31 -3.68 -15.05
N LEU A 138 -8.19 -3.39 -14.10
CA LEU A 138 -8.26 -4.08 -12.82
C LEU A 138 -9.61 -4.75 -12.66
N PRO A 139 -9.74 -6.02 -13.03
CA PRO A 139 -11.01 -6.73 -12.85
C PRO A 139 -11.14 -7.21 -11.40
N CYS A 140 -12.30 -7.85 -11.15
CA CYS A 140 -12.56 -8.57 -9.87
CA CYS A 140 -12.55 -8.61 -9.95
C CYS A 140 -11.31 -9.37 -9.47
N GLY A 141 -11.02 -9.31 -8.18
CA GLY A 141 -9.94 -10.08 -7.59
C GLY A 141 -8.61 -9.38 -7.63
N MET A 142 -8.43 -8.34 -8.46
CA MET A 142 -7.18 -7.58 -8.41
C MET A 142 -7.22 -6.54 -7.29
N ASN A 143 -6.06 -6.30 -6.70
CA ASN A 143 -5.91 -5.22 -5.71
C ASN A 143 -4.83 -4.32 -6.17
N SER A 144 -5.19 -3.09 -6.59
CA SER A 144 -4.20 -2.01 -6.70
C SER A 144 -4.22 -1.27 -5.36
N ALA A 145 -3.03 -1.14 -4.76
CA ALA A 145 -2.92 -0.57 -3.44
C ALA A 145 -2.01 0.65 -3.47
N LEU A 146 -2.40 1.63 -2.63
CA LEU A 146 -1.60 2.84 -2.39
C LEU A 146 -1.85 3.12 -0.92
N TYR A 147 -0.79 3.02 -0.11
CA TYR A 147 -0.98 2.96 1.34
C TYR A 147 0.27 3.44 2.03
N LEU A 148 0.13 3.59 3.36
CA LEU A 148 1.19 4.07 4.20
C LEU A 148 1.52 3.00 5.23
N SER A 149 2.81 2.79 5.44
CA SER A 149 3.32 1.88 6.49
C SER A 149 4.31 2.67 7.35
N GLU A 150 4.35 2.38 8.65
CA GLU A 150 5.26 3.09 9.55
C GLU A 150 6.66 2.45 9.54
N MET A 151 7.26 2.44 8.37
CA MET A 151 8.63 1.96 8.13
C MET A 151 9.62 3.03 8.61
N HIS A 152 10.82 2.58 8.91
CA HIS A 152 11.88 3.47 9.34
C HIS A 152 12.38 4.32 8.16
N PRO A 153 12.70 5.61 8.38
CA PRO A 153 13.00 6.49 7.23
C PRO A 153 14.18 6.06 6.37
N THR A 154 15.21 5.49 6.97
CA THR A 154 16.36 5.01 6.16
C THR A 154 16.25 3.52 5.88
N GLY A 155 15.07 2.93 6.06
CA GLY A 155 14.97 1.51 5.97
C GLY A 155 15.77 0.80 7.05
N ALA A 156 15.98 1.49 8.17
CA ALA A 156 16.78 0.98 9.28
C ALA A 156 18.20 0.68 8.82
N LYS A 157 18.80 1.61 8.11
CA LYS A 157 20.21 1.44 7.69
C LYS A 157 21.08 1.22 8.95
N SER A 158 22.02 0.31 8.85
CA SER A 158 22.85 -0.08 10.00
C SER A 158 24.08 -0.80 9.51
N LYS A 159 24.94 -1.18 10.42
CA LYS A 159 26.18 -1.88 10.00
C LYS A 159 25.87 -3.07 9.11
N TYR A 160 24.93 -3.91 9.53
CA TYR A 160 24.63 -5.14 8.81
C TYR A 160 23.58 -4.93 7.70
N ASN A 161 22.94 -3.75 7.68
CA ASN A 161 22.05 -3.33 6.61
C ASN A 161 22.56 -2.04 5.99
N PRO A 162 23.67 -2.08 5.24
CA PRO A 162 24.20 -0.84 4.69
C PRO A 162 23.39 -0.32 3.50
N GLY A 163 22.59 -1.16 2.87
CA GLY A 163 21.76 -0.76 1.74
C GLY A 163 20.65 0.18 2.09
N GLY A 164 19.87 -0.15 3.11
CA GLY A 164 18.84 0.76 3.56
C GLY A 164 17.75 1.01 2.54
N ALA A 165 17.18 2.20 2.65
CA ALA A 165 16.03 2.64 1.82
C ALA A 165 16.41 2.65 0.33
N TYR A 166 17.69 2.88 0.01
CA TYR A 166 18.11 2.87 -1.40
C TYR A 166 17.79 1.51 -2.04
N TYR A 167 17.77 0.44 -1.26
CA TYR A 167 17.41 -0.90 -1.73
C TYR A 167 16.03 -1.35 -1.24
N GLY A 168 15.23 -0.45 -0.64
CA GLY A 168 13.89 -0.85 -0.29
C GLY A 168 13.77 -1.70 0.94
N THR A 169 14.69 -1.60 1.91
CA THR A 169 14.63 -2.37 3.14
C THR A 169 13.61 -1.81 4.12
N GLY A 170 13.21 -2.67 5.08
CA GLY A 170 12.42 -2.21 6.20
C GLY A 170 10.91 -2.33 6.10
N TYR A 171 10.38 -3.05 5.11
CA TYR A 171 8.93 -3.19 4.97
C TYR A 171 8.31 -3.79 6.22
N CYS A 172 7.11 -3.30 6.55
CA CYS A 172 6.23 -3.88 7.55
C CYS A 172 4.80 -3.49 7.21
N ASP A 173 3.84 -4.19 7.78
CA ASP A 173 2.43 -3.80 7.63
C ASP A 173 1.65 -4.45 8.77
N ALA A 174 0.33 -4.28 8.72
CA ALA A 174 -0.52 -4.73 9.83
C ALA A 174 -0.80 -6.21 9.82
N GLN A 175 -0.25 -6.96 8.86
CA GLN A 175 -0.40 -8.42 8.82
C GLN A 175 0.70 -9.15 9.56
N CYS A 176 1.76 -8.51 9.96
CA CYS A 176 2.80 -9.16 10.77
C CYS A 176 3.35 -10.45 10.08
N PHE A 177 3.61 -10.34 8.78
CA PHE A 177 4.14 -11.49 8.06
C PHE A 177 5.60 -11.74 8.39
N VAL A 178 5.98 -13.01 8.30
CA VAL A 178 7.36 -13.46 8.46
C VAL A 178 8.08 -13.35 7.14
N THR A 179 9.15 -12.55 7.09
CA THR A 179 10.02 -12.43 5.94
C THR A 179 11.44 -12.83 6.35
N PRO A 180 12.26 -13.35 5.40
CA PRO A 180 13.57 -13.84 5.79
C PRO A 180 14.54 -12.76 6.22
N PHE A 181 14.29 -11.51 5.85
CA PHE A 181 15.00 -10.34 6.37
C PHE A 181 13.96 -9.39 6.89
N ILE A 182 14.27 -8.72 8.01
CA ILE A 182 13.46 -7.64 8.58
C ILE A 182 14.41 -6.50 8.88
N ASN A 183 14.11 -5.28 8.44
CA ASN A 183 15.01 -4.18 8.66
C ASN A 183 16.40 -4.47 8.12
N GLY A 184 16.43 -5.21 7.00
CA GLY A 184 17.66 -5.57 6.33
C GLY A 184 18.53 -6.56 7.05
N LEU A 185 18.04 -7.18 8.11
CA LEU A 185 18.80 -8.14 8.93
C LEU A 185 18.15 -9.51 8.80
N GLY A 186 18.97 -10.55 8.80
CA GLY A 186 18.42 -11.90 8.71
C GLY A 186 17.50 -12.17 9.89
N ASN A 187 16.33 -12.70 9.62
CA ASN A 187 15.27 -12.90 10.60
C ASN A 187 15.40 -14.30 11.22
N ILE A 188 16.45 -14.46 12.00
CA ILE A 188 16.92 -15.78 12.49
C ILE A 188 15.79 -16.47 13.23
N GLU A 189 15.03 -15.72 14.04
CA GLU A 189 14.00 -16.31 14.91
C GLU A 189 12.64 -16.37 14.22
N GLY A 190 12.53 -15.96 12.97
CA GLY A 190 11.25 -16.10 12.30
C GLY A 190 10.15 -15.23 12.88
N LYS A 191 10.48 -14.03 13.29
CA LYS A 191 9.49 -13.06 13.78
C LYS A 191 8.65 -12.51 12.62
N GLY A 192 7.50 -11.95 12.94
CA GLY A 192 6.74 -11.21 11.95
C GLY A 192 7.06 -9.73 11.94
N SER A 193 6.78 -9.04 10.84
CA SER A 193 7.15 -7.64 10.65
C SER A 193 5.88 -6.74 10.73
N CYS A 194 5.68 -6.14 11.86
CA CYS A 194 4.40 -5.49 12.16
C CYS A 194 4.52 -3.97 12.18
N CYS A 195 3.57 -3.24 11.66
CA CYS A 195 3.47 -1.80 11.95
C CYS A 195 2.09 -1.29 11.56
N ASN A 196 1.75 -0.13 12.12
CA ASN A 196 0.59 0.66 11.74
C ASN A 196 0.59 0.84 10.22
N GLU A 197 -0.61 0.80 9.65
CA GLU A 197 -0.79 0.80 8.20
C GLU A 197 -2.08 1.56 7.89
N MET A 198 -1.95 2.61 7.04
CA MET A 198 -3.15 3.35 6.59
C MET A 198 -3.36 2.97 5.11
N ASP A 199 -4.40 2.17 4.86
CA ASP A 199 -4.72 1.79 3.47
C ASP A 199 -5.58 2.87 2.86
N ILE A 200 -4.90 3.84 2.29
CA ILE A 200 -5.59 4.92 1.56
C ILE A 200 -6.47 4.33 0.48
N TRP A 201 -5.89 3.44 -0.33
CA TRP A 201 -6.56 2.93 -1.52
C TRP A 201 -6.22 1.48 -1.67
N GLU A 202 -7.27 0.63 -1.68
CA GLU A 202 -7.20 -0.76 -2.12
C GLU A 202 -8.41 -0.92 -3.03
N ALA A 203 -8.17 -1.12 -4.33
CA ALA A 203 -9.32 -0.97 -5.25
C ALA A 203 -9.05 -1.64 -6.56
N ASN A 204 -10.13 -1.92 -7.25
CA ASN A 204 -10.10 -2.31 -8.65
C ASN A 204 -11.19 -1.55 -9.38
N SER A 205 -11.53 -1.94 -10.61
CA SER A 205 -12.58 -1.23 -11.34
C SER A 205 -13.96 -1.55 -10.80
N ARG A 206 -14.09 -2.51 -9.89
CA ARG A 206 -15.36 -2.98 -9.36
C ARG A 206 -15.65 -2.49 -7.93
N ALA A 207 -14.64 -2.17 -7.14
CA ALA A 207 -14.89 -1.73 -5.76
C ALA A 207 -13.70 -0.88 -5.30
N SER A 208 -13.98 -0.01 -4.37
CA SER A 208 -13.00 0.92 -3.77
C SER A 208 -13.11 0.83 -2.25
N HIS A 209 -11.99 0.50 -1.60
CA HIS A 209 -11.93 0.29 -0.15
C HIS A 209 -10.89 1.20 0.45
N VAL A 210 -11.22 1.78 1.60
CA VAL A 210 -10.28 2.57 2.42
C VAL A 210 -10.26 1.93 3.81
N ALA A 211 -9.07 1.81 4.43
CA ALA A 211 -9.08 1.26 5.79
C ALA A 211 -7.86 1.66 6.58
N PRO A 212 -8.01 2.34 7.72
CA PRO A 212 -6.93 2.41 8.70
C PRO A 212 -6.79 1.07 9.44
N HIS A 213 -5.54 0.73 9.75
CA HIS A 213 -5.21 -0.47 10.58
C HIS A 213 -4.27 -0.04 11.69
N THR A 214 -4.69 -0.13 12.92
CA THR A 214 -3.85 0.22 14.08
C THR A 214 -3.02 -0.95 14.54
N CYS A 215 -1.90 -0.64 15.19
CA CYS A 215 -1.14 -1.53 16.04
C CYS A 215 -0.86 -0.81 17.33
N ASN A 216 -0.65 -1.55 18.41
CA ASN A 216 -0.31 -0.90 19.70
C ASN A 216 1.18 -0.62 19.84
N LYS A 217 1.90 -0.59 18.77
CA LYS A 217 3.34 -0.36 18.70
C LYS A 217 3.63 0.91 17.90
N LYS A 218 4.80 1.50 18.16
CA LYS A 218 5.29 2.61 17.33
C LYS A 218 6.38 2.12 16.40
N GLY A 219 6.24 2.36 15.14
CA GLY A 219 7.16 1.85 14.14
C GLY A 219 7.11 0.36 13.98
N LEU A 220 8.18 -0.19 13.44
CA LEU A 220 8.26 -1.63 13.12
C LEU A 220 8.47 -2.39 14.40
N TYR A 221 7.65 -3.40 14.65
CA TYR A 221 7.76 -4.32 15.78
C TYR A 221 7.91 -5.75 15.25
N LEU A 222 8.85 -6.47 15.84
CA LEU A 222 9.08 -7.87 15.48
C LEU A 222 8.26 -8.74 16.45
N CYS A 223 7.23 -9.40 15.91
CA CYS A 223 6.34 -10.19 16.76
C CYS A 223 6.68 -11.65 16.82
N GLU A 224 6.27 -12.28 17.92
CA GLU A 224 6.43 -13.72 18.11
C GLU A 224 5.11 -14.37 18.51
N GLY A 225 4.91 -15.55 17.96
CA GLY A 225 3.79 -16.38 18.43
C GLY A 225 2.47 -15.68 18.20
N GLU A 226 1.63 -15.69 19.21
CA GLU A 226 0.26 -15.12 19.17
C GLU A 226 0.29 -13.63 18.92
N GLU A 227 1.39 -12.95 19.18
CA GLU A 227 1.46 -11.50 18.88
C GLU A 227 1.22 -11.23 17.41
N CYS A 228 1.60 -12.17 16.55
CA CYS A 228 1.45 -11.98 15.10
C CYS A 228 0.05 -12.34 14.57
N ALA A 229 -0.80 -12.95 15.44
CA ALA A 229 -2.08 -13.53 15.07
C ALA A 229 -3.19 -12.51 15.24
N PHE A 230 -4.41 -12.91 14.98
CA PHE A 230 -5.56 -12.00 14.92
C PHE A 230 -5.76 -11.29 16.26
N GLU A 231 -5.52 -11.99 17.37
CA GLU A 231 -5.69 -11.38 18.69
C GLU A 231 -4.43 -10.71 19.20
N GLY A 232 -3.49 -10.40 18.30
CA GLY A 232 -2.17 -9.85 18.69
C GLY A 232 -2.09 -8.36 18.61
N VAL A 233 -0.91 -7.89 18.23
CA VAL A 233 -0.50 -6.46 18.39
C VAL A 233 -1.01 -5.56 17.25
N CYS A 234 -1.46 -6.15 16.14
CA CYS A 234 -1.94 -5.36 14.99
C CYS A 234 -3.36 -5.79 14.60
N ASP A 235 -4.03 -4.85 13.96
CA ASP A 235 -5.40 -4.97 13.46
C ASP A 235 -5.37 -5.47 12.01
N LYS A 236 -5.53 -6.77 11.82
CA LYS A 236 -5.48 -7.36 10.46
C LYS A 236 -6.60 -6.88 9.60
N ASN A 237 -7.81 -6.76 10.13
CA ASN A 237 -8.99 -6.46 9.33
C ASN A 237 -9.04 -5.01 8.93
N GLY A 238 -8.71 -4.07 9.83
CA GLY A 238 -8.90 -2.66 9.55
C GLY A 238 -10.29 -2.18 9.80
N CYS A 239 -10.47 -0.87 9.79
CA CYS A 239 -11.80 -0.27 9.80
C CYS A 239 -12.15 0.03 8.34
N GLY A 240 -12.91 -0.84 7.71
CA GLY A 240 -13.13 -0.76 6.28
C GLY A 240 -14.22 0.22 5.89
N TRP A 241 -14.03 0.90 4.79
CA TRP A 241 -14.97 1.87 4.19
C TRP A 241 -15.08 1.54 2.71
N ASN A 242 -16.27 1.04 2.35
CA ASN A 242 -16.56 0.58 0.96
C ASN A 242 -18.05 0.84 0.78
N ASN A 243 -18.43 1.65 -0.22
CA ASN A 243 -19.86 1.93 -0.43
C ASN A 243 -20.73 0.69 -0.42
N TYR A 244 -20.29 -0.40 -1.04
CA TYR A 244 -21.14 -1.61 -1.05
C TYR A 244 -21.43 -2.14 0.35
N ARG A 245 -20.45 -2.08 1.25
CA ARG A 245 -20.64 -2.59 2.60
C ARG A 245 -21.66 -1.77 3.40
N VAL A 246 -21.95 -0.55 2.96
CA VAL A 246 -22.91 0.31 3.64
C VAL A 246 -24.15 0.52 2.77
N ASN A 247 -24.40 -0.44 1.84
CA ASN A 247 -25.64 -0.49 1.08
C ASN A 247 -25.82 0.71 0.16
N VAL A 248 -24.73 1.15 -0.47
CA VAL A 248 -24.77 2.17 -1.53
C VAL A 248 -24.15 1.48 -2.75
N THR A 249 -24.97 1.08 -3.72
CA THR A 249 -24.49 0.20 -4.78
C THR A 249 -24.21 0.92 -6.10
N ASP A 250 -24.56 2.21 -6.22
CA ASP A 250 -24.50 2.92 -7.48
C ASP A 250 -23.36 3.98 -7.47
N TYR A 251 -22.43 3.87 -6.54
CA TYR A 251 -21.44 4.91 -6.35
C TYR A 251 -20.19 4.76 -7.23
N TYR A 252 -19.76 3.52 -7.46
CA TYR A 252 -18.41 3.27 -7.99
C TYR A 252 -18.42 2.01 -8.82
N GLY A 253 -18.04 2.09 -10.09
CA GLY A 253 -18.01 0.89 -10.90
C GLY A 253 -17.89 1.20 -12.36
N ARG A 254 -17.94 0.13 -13.16
CA ARG A 254 -17.69 0.22 -14.61
C ARG A 254 -18.95 0.67 -15.33
N GLY A 255 -19.02 1.93 -15.72
CA GLY A 255 -20.12 2.45 -16.54
C GLY A 255 -20.72 3.70 -15.99
N GLU A 256 -21.53 4.34 -16.84
CA GLU A 256 -22.27 5.58 -16.56
CA GLU A 256 -22.11 5.64 -16.43
C GLU A 256 -23.27 5.40 -15.45
N GLU A 257 -23.66 4.14 -15.17
CA GLU A 257 -24.61 3.88 -14.05
CA GLU A 257 -24.63 3.98 -14.06
C GLU A 257 -24.01 4.26 -12.71
N PHE A 258 -22.70 4.34 -12.63
CA PHE A 258 -21.99 4.63 -11.38
C PHE A 258 -21.58 6.10 -11.32
N LYS A 259 -21.55 6.67 -10.12
CA LYS A 259 -21.14 8.09 -9.98
CA LYS A 259 -21.11 8.09 -9.98
C LYS A 259 -19.66 8.25 -10.35
N VAL A 260 -18.81 7.37 -9.81
CA VAL A 260 -17.39 7.26 -10.17
C VAL A 260 -17.32 6.13 -11.21
N ASN A 261 -17.13 6.51 -12.47
CA ASN A 261 -17.17 5.56 -13.58
C ASN A 261 -15.74 5.10 -13.87
N THR A 262 -15.43 3.86 -13.49
CA THR A 262 -14.07 3.33 -13.55
C THR A 262 -13.65 2.96 -14.95
N LEU A 263 -14.50 3.14 -15.97
CA LEU A 263 -14.05 3.06 -17.37
C LEU A 263 -13.24 4.28 -17.79
N LYS A 264 -13.23 5.32 -16.97
CA LYS A 264 -12.54 6.57 -17.26
C LYS A 264 -11.60 6.85 -16.11
N PRO A 265 -10.55 7.63 -16.33
CA PRO A 265 -9.70 8.04 -15.23
C PRO A 265 -10.42 8.98 -14.25
N PHE A 266 -9.91 9.08 -13.04
CA PHE A 266 -10.50 9.92 -12.00
C PHE A 266 -9.43 10.24 -10.96
N THR A 267 -9.77 11.21 -10.11
CA THR A 267 -8.97 11.67 -9.00
C THR A 267 -9.56 11.21 -7.69
N VAL A 268 -8.67 10.86 -6.77
CA VAL A 268 -8.99 10.27 -5.45
C VAL A 268 -8.41 11.18 -4.39
N VAL A 269 -9.28 11.80 -3.58
CA VAL A 269 -8.89 12.72 -2.52
C VAL A 269 -9.14 12.08 -1.16
N THR A 270 -8.15 12.18 -0.25
CA THR A 270 -8.28 11.61 1.09
C THR A 270 -7.82 12.67 2.09
N GLN A 271 -8.73 13.11 2.96
CA GLN A 271 -8.43 14.12 3.98
C GLN A 271 -8.40 13.45 5.34
N PHE A 272 -7.41 13.87 6.13
CA PHE A 272 -7.18 13.36 7.48
C PHE A 272 -7.51 14.46 8.45
N LEU A 273 -8.77 14.51 8.89
CA LEU A 273 -9.30 15.67 9.63
C LEU A 273 -9.08 15.51 11.14
N ALA A 274 -8.41 16.49 11.71
CA ALA A 274 -8.05 16.50 13.13
C ALA A 274 -9.02 17.33 13.94
N ASN A 275 -9.13 16.98 15.21
CA ASN A 275 -9.87 17.81 16.15
C ASN A 275 -9.00 18.96 16.68
N ARG A 276 -9.54 19.82 17.52
CA ARG A 276 -8.82 20.98 17.95
C ARG A 276 -7.64 20.63 18.87
N ARG A 277 -7.55 19.41 19.34
CA ARG A 277 -6.37 18.94 20.13
C ARG A 277 -5.29 18.37 19.17
N GLY A 278 -5.52 18.39 17.86
CA GLY A 278 -4.55 17.93 16.84
C GLY A 278 -4.58 16.41 16.67
N LYS A 279 -5.55 15.72 17.20
CA LYS A 279 -5.68 14.25 17.06
C LYS A 279 -6.59 13.96 15.84
N LEU A 280 -6.29 12.93 15.12
CA LEU A 280 -7.14 12.49 14.01
C LEU A 280 -8.50 12.08 14.52
N GLU A 281 -9.55 12.62 13.88
CA GLU A 281 -10.94 12.30 14.22
C GLU A 281 -11.70 11.67 13.09
N LYS A 282 -11.46 12.09 11.85
CA LYS A 282 -12.24 11.59 10.71
C LYS A 282 -11.31 11.41 9.54
N ILE A 283 -11.64 10.45 8.72
CA ILE A 283 -10.98 10.23 7.42
C ILE A 283 -12.05 10.39 6.34
N HIS A 284 -11.82 11.31 5.41
CA HIS A 284 -12.83 11.71 4.41
C HIS A 284 -12.30 11.41 3.02
N ARG A 285 -13.04 10.62 2.26
CA ARG A 285 -12.72 10.25 0.89
C ARG A 285 -13.76 10.82 -0.07
N PHE A 286 -13.32 11.56 -1.06
CA PHE A 286 -14.20 11.95 -2.16
C PHE A 286 -13.38 11.90 -3.45
N TYR A 287 -14.05 12.14 -4.57
CA TYR A 287 -13.41 11.91 -5.89
C TYR A 287 -13.61 13.12 -6.77
N VAL A 288 -12.90 13.20 -7.86
CA VAL A 288 -13.14 14.22 -8.89
C VAL A 288 -13.11 13.50 -10.22
N GLN A 289 -14.09 13.74 -11.07
CA GLN A 289 -14.08 13.11 -12.40
C GLN A 289 -14.76 14.08 -13.35
N ASP A 290 -14.22 14.18 -14.56
CA ASP A 290 -14.78 15.10 -15.58
C ASP A 290 -14.88 16.53 -15.06
N GLY A 291 -13.94 16.92 -14.25
CA GLY A 291 -13.87 18.30 -13.76
C GLY A 291 -14.82 18.63 -12.66
N LYS A 292 -15.48 17.65 -12.08
CA LYS A 292 -16.51 17.87 -11.03
C LYS A 292 -16.19 17.05 -9.79
N VAL A 293 -16.31 17.66 -8.63
CA VAL A 293 -16.21 16.95 -7.36
C VAL A 293 -17.38 15.99 -7.21
N ILE A 294 -17.08 14.78 -6.78
CA ILE A 294 -18.04 13.73 -6.42
C ILE A 294 -17.92 13.55 -4.94
N GLU A 295 -18.86 14.09 -4.17
CA GLU A 295 -18.82 14.02 -2.72
C GLU A 295 -18.91 12.57 -2.27
N SER A 296 -18.47 12.28 -1.07
CA SER A 296 -18.70 10.96 -0.50
C SER A 296 -20.20 10.66 -0.42
N PHE A 297 -20.54 9.39 -0.60
CA PHE A 297 -21.79 8.85 -0.12
C PHE A 297 -21.89 8.96 1.38
N TYR A 298 -23.13 8.93 1.85
CA TYR A 298 -23.47 8.61 3.24
C TYR A 298 -23.84 7.15 3.36
N THR A 299 -23.58 6.59 4.51
CA THR A 299 -24.01 5.20 4.81
C THR A 299 -25.52 5.09 4.67
N ASN A 300 -25.96 3.86 4.34
CA ASN A 300 -27.36 3.59 4.02
C ASN A 300 -27.79 2.22 4.54
N LYS A 301 -27.36 1.88 5.73
CA LYS A 301 -27.54 0.49 6.17
C LYS A 301 -27.99 0.46 7.62
N GLU A 302 -28.97 -0.43 7.89
CA GLU A 302 -29.38 -0.72 9.26
C GLU A 302 -28.22 -1.11 10.13
N GLY A 303 -28.14 -0.50 11.27
CA GLY A 303 -27.09 -0.79 12.27
C GLY A 303 -25.82 0.01 12.05
N VAL A 304 -25.73 0.79 11.01
CA VAL A 304 -24.52 1.58 10.70
C VAL A 304 -24.87 3.04 10.95
N PRO A 305 -24.08 3.72 11.77
CA PRO A 305 -24.28 5.14 11.99
C PRO A 305 -24.32 5.91 10.66
N TYR A 306 -25.21 6.91 10.56
CA TYR A 306 -25.31 7.77 9.37
C TYR A 306 -24.13 8.70 9.33
N THR A 307 -23.27 8.54 8.33
CA THR A 307 -22.01 9.29 8.25
C THR A 307 -21.55 9.25 6.81
N ASN A 308 -20.73 10.24 6.47
CA ASN A 308 -20.03 10.32 5.21
C ASN A 308 -18.51 10.26 5.39
N MET A 309 -18.04 9.90 6.55
CA MET A 309 -16.61 9.82 6.89
C MET A 309 -16.37 8.68 7.86
N ILE A 310 -15.15 8.14 7.80
CA ILE A 310 -14.67 7.18 8.78
C ILE A 310 -14.43 7.89 10.12
N ASP A 311 -14.92 7.35 11.22
CA ASP A 311 -14.63 7.86 12.55
C ASP A 311 -14.81 6.70 13.55
N ASP A 312 -14.48 6.95 14.81
CA ASP A 312 -14.58 5.89 15.81
C ASP A 312 -15.98 5.32 15.93
N GLU A 313 -17.02 6.17 15.90
CA GLU A 313 -18.38 5.62 16.07
C GLU A 313 -18.67 4.63 14.94
N PHE A 314 -18.33 4.98 13.73
CA PHE A 314 -18.54 4.07 12.58
C PHE A 314 -17.71 2.82 12.72
N CYS A 315 -16.44 2.95 13.08
CA CYS A 315 -15.55 1.80 13.15
C CYS A 315 -16.01 0.82 14.23
N GLU A 316 -16.39 1.35 15.38
CA GLU A 316 -16.86 0.48 16.46
C GLU A 316 -18.11 -0.25 16.03
N ALA A 317 -19.09 0.50 15.50
CA ALA A 317 -20.41 -0.03 15.15
C ALA A 317 -20.32 -1.11 14.11
N THR A 318 -19.36 -1.03 13.21
CA THR A 318 -19.21 -2.00 12.12
C THR A 318 -18.30 -3.16 12.51
N GLY A 319 -17.97 -3.27 13.78
CA GLY A 319 -17.30 -4.48 14.26
C GLY A 319 -15.78 -4.43 14.16
N SER A 320 -15.18 -3.27 14.10
CA SER A 320 -13.72 -3.15 13.97
C SER A 320 -13.07 -3.22 15.35
N ARG A 321 -13.14 -4.39 15.96
CA ARG A 321 -12.81 -4.54 17.37
C ARG A 321 -11.32 -4.33 17.63
N LYS A 322 -10.48 -4.98 16.87
CA LYS A 322 -9.05 -4.78 17.10
C LYS A 322 -8.61 -3.37 16.73
N TYR A 323 -9.19 -2.78 15.70
CA TYR A 323 -8.91 -1.39 15.35
C TYR A 323 -9.07 -0.50 16.59
N MET A 324 -10.22 -0.65 17.26
CA MET A 324 -10.52 0.18 18.42
C MET A 324 -9.62 -0.15 19.59
N GLU A 325 -9.37 -1.41 19.85
CA GLU A 325 -8.58 -1.82 21.02
C GLU A 325 -7.14 -1.38 20.86
N LEU A 326 -6.60 -1.37 19.67
CA LEU A 326 -5.17 -1.13 19.42
C LEU A 326 -4.85 0.35 19.18
N GLY A 327 -5.84 1.24 19.29
CA GLY A 327 -5.55 2.70 19.31
C GLY A 327 -6.65 3.55 18.69
N ALA A 328 -7.55 2.95 17.91
CA ALA A 328 -8.64 3.70 17.28
C ALA A 328 -8.12 4.80 16.38
N THR A 329 -9.00 5.73 16.01
CA THR A 329 -8.62 6.73 15.01
C THR A 329 -7.50 7.61 15.53
N GLN A 330 -7.53 7.96 16.82
CA GLN A 330 -6.46 8.76 17.38
C GLN A 330 -5.11 8.04 17.22
N GLY A 331 -5.07 6.74 17.49
CA GLY A 331 -3.82 5.97 17.36
C GLY A 331 -3.34 5.93 15.94
N MET A 332 -4.23 5.73 15.00
CA MET A 332 -3.84 5.77 13.57
C MET A 332 -3.21 7.15 13.30
N GLY A 333 -3.86 8.21 13.76
CA GLY A 333 -3.37 9.57 13.53
C GLY A 333 -2.03 9.83 14.17
N GLU A 334 -1.74 9.22 15.30
CA GLU A 334 -0.42 9.42 15.94
C GLU A 334 0.65 8.80 15.07
N ALA A 335 0.39 7.66 14.45
CA ALA A 335 1.33 7.09 13.48
C ALA A 335 1.51 8.03 12.28
N LEU A 336 0.38 8.54 11.76
CA LEU A 336 0.47 9.47 10.62
C LEU A 336 1.30 10.70 10.97
N THR A 337 1.14 11.20 12.20
CA THR A 337 1.89 12.36 12.66
C THR A 337 3.36 12.06 12.79
N ARG A 338 3.72 10.89 13.33
CA ARG A 338 5.13 10.50 13.45
C ARG A 338 5.77 10.45 12.09
N GLY A 339 5.06 9.97 11.09
CA GLY A 339 5.56 9.90 9.72
C GLY A 339 5.45 8.49 9.17
N MET A 340 5.05 8.38 7.90
CA MET A 340 4.80 7.12 7.21
CA MET A 340 4.88 7.09 7.27
C MET A 340 5.47 7.11 5.86
N VAL A 341 5.75 5.90 5.38
CA VAL A 341 6.27 5.66 4.04
C VAL A 341 5.13 5.26 3.11
N LEU A 342 5.16 5.82 1.88
CA LEU A 342 4.19 5.52 0.85
C LEU A 342 4.63 4.28 0.06
N ALA A 343 3.73 3.28 0.06
CA ALA A 343 3.86 2.02 -0.67
C ALA A 343 2.79 1.97 -1.75
N MET A 344 3.15 1.46 -2.92
CA MET A 344 2.22 1.26 -4.03
C MET A 344 2.45 -0.14 -4.58
N SER A 345 1.37 -0.86 -4.85
CA SER A 345 1.52 -2.26 -5.24
C SER A 345 0.35 -2.68 -6.10
N ILE A 346 0.53 -3.87 -6.73
CA ILE A 346 -0.55 -4.54 -7.44
C ILE A 346 -0.44 -6.02 -7.14
N TRP A 347 -1.52 -6.67 -6.79
CA TRP A 347 -1.42 -8.06 -6.35
C TRP A 347 -2.77 -8.76 -6.50
N TRP A 348 -2.72 -10.08 -6.42
CA TRP A 348 -3.89 -10.95 -6.43
C TRP A 348 -3.78 -12.00 -5.31
N ASP A 349 -4.82 -12.79 -5.12
CA ASP A 349 -4.98 -13.60 -3.90
C ASP A 349 -5.39 -15.00 -4.28
N GLN A 350 -4.42 -15.92 -4.40
CA GLN A 350 -4.71 -17.31 -4.76
C GLN A 350 -5.57 -18.00 -3.74
N GLY A 351 -5.43 -17.66 -2.49
CA GLY A 351 -6.14 -18.38 -1.43
C GLY A 351 -7.56 -17.97 -1.24
N GLY A 352 -7.85 -16.67 -1.34
CA GLY A 352 -9.15 -16.12 -0.93
C GLY A 352 -9.78 -15.23 -2.01
N ASN A 353 -9.17 -15.10 -3.17
CA ASN A 353 -9.79 -14.40 -4.32
C ASN A 353 -10.10 -12.92 -4.04
N MET A 354 -9.50 -12.34 -3.03
CA MET A 354 -9.78 -10.91 -2.74
C MET A 354 -11.24 -10.67 -2.43
N GLU A 355 -11.92 -11.68 -1.88
CA GLU A 355 -13.39 -11.54 -1.74
C GLU A 355 -13.79 -10.37 -0.85
N TRP A 356 -12.98 -10.07 0.16
CA TRP A 356 -13.25 -8.97 1.08
C TRP A 356 -13.32 -7.62 0.36
N LEU A 357 -12.71 -7.51 -0.81
CA LEU A 357 -12.66 -6.22 -1.54
C LEU A 357 -13.93 -6.03 -2.38
N ASP A 358 -14.39 -7.07 -3.10
CA ASP A 358 -15.31 -6.83 -4.22
C ASP A 358 -16.40 -7.85 -4.38
N HIS A 359 -16.58 -8.76 -3.39
CA HIS A 359 -17.57 -9.86 -3.52
C HIS A 359 -18.56 -9.78 -2.38
N GLY A 360 -19.77 -10.25 -2.63
CA GLY A 360 -20.75 -10.43 -1.55
C GLY A 360 -21.22 -9.11 -1.00
N GLU A 361 -20.98 -8.88 0.27
CA GLU A 361 -21.30 -7.57 0.89
C GLU A 361 -20.47 -6.44 0.30
N ALA A 362 -19.31 -6.78 -0.27
CA ALA A 362 -18.30 -5.79 -0.67
C ALA A 362 -18.35 -5.40 -2.14
N GLY A 363 -19.18 -6.05 -2.97
CA GLY A 363 -19.19 -5.65 -4.38
C GLY A 363 -19.89 -6.66 -5.26
N PRO A 364 -19.77 -6.45 -6.59
CA PRO A 364 -20.60 -7.18 -7.55
C PRO A 364 -19.96 -8.45 -8.05
N CYS A 365 -18.77 -8.80 -7.60
CA CYS A 365 -18.02 -9.91 -8.17
C CYS A 365 -18.59 -11.24 -7.64
N ALA A 366 -18.79 -12.21 -8.53
CA ALA A 366 -19.38 -13.50 -8.16
C ALA A 366 -18.35 -14.38 -7.51
N LYS A 367 -18.83 -15.44 -6.86
CA LYS A 367 -17.95 -16.48 -6.32
C LYS A 367 -17.10 -17.05 -7.44
N GLY A 368 -15.81 -17.09 -7.20
CA GLY A 368 -14.83 -17.60 -8.17
C GLY A 368 -14.33 -16.55 -9.16
N GLU A 369 -15.02 -15.40 -9.27
CA GLU A 369 -14.75 -14.49 -10.38
C GLU A 369 -13.35 -13.86 -10.17
N GLY A 370 -13.00 -13.61 -8.90
CA GLY A 370 -11.72 -13.01 -8.57
C GLY A 370 -10.57 -13.97 -8.39
N ALA A 371 -10.78 -15.26 -8.66
CA ALA A 371 -9.66 -16.20 -8.59
C ALA A 371 -8.61 -15.79 -9.63
N PRO A 372 -7.31 -15.88 -9.32
CA PRO A 372 -6.27 -15.62 -10.33
C PRO A 372 -6.46 -16.44 -11.62
N SER A 373 -6.90 -17.68 -11.46
CA SER A 373 -7.13 -18.53 -12.63
C SER A 373 -8.24 -17.95 -13.52
N ASN A 374 -9.18 -17.18 -12.97
CA ASN A 374 -10.19 -16.51 -13.80
C ASN A 374 -9.75 -15.15 -14.26
N ILE A 375 -9.01 -14.40 -13.42
CA ILE A 375 -8.59 -13.04 -13.77
C ILE A 375 -7.93 -13.05 -15.13
N VAL A 376 -7.07 -14.01 -15.40
CA VAL A 376 -6.28 -13.99 -16.66
C VAL A 376 -7.13 -14.16 -17.90
N GLN A 377 -8.34 -14.74 -17.78
CA GLN A 377 -9.28 -14.81 -18.92
CA GLN A 377 -9.28 -14.80 -18.90
C GLN A 377 -9.94 -13.45 -19.13
N VAL A 378 -10.23 -12.73 -18.08
CA VAL A 378 -10.93 -11.46 -18.14
C VAL A 378 -9.98 -10.34 -18.60
N GLU A 379 -8.78 -10.30 -18.00
CA GLU A 379 -7.77 -9.27 -18.29
C GLU A 379 -6.43 -9.98 -18.23
N PRO A 380 -5.84 -10.32 -19.39
CA PRO A 380 -4.59 -11.04 -19.37
C PRO A 380 -3.43 -10.27 -18.77
N PHE A 381 -3.47 -8.94 -18.82
CA PHE A 381 -2.35 -8.10 -18.36
C PHE A 381 -2.88 -7.02 -17.42
N PRO A 382 -3.28 -7.37 -16.20
CA PRO A 382 -3.77 -6.35 -15.27
C PRO A 382 -2.67 -5.35 -14.95
N GLU A 383 -3.06 -4.09 -14.76
CA GLU A 383 -2.10 -3.04 -14.47
C GLU A 383 -2.85 -1.86 -13.87
N VAL A 384 -2.11 -0.97 -13.22
CA VAL A 384 -2.66 0.29 -12.69
C VAL A 384 -1.66 1.38 -13.00
N THR A 385 -2.15 2.61 -13.16
CA THR A 385 -1.31 3.79 -13.26
C THR A 385 -1.78 4.80 -12.23
N TYR A 386 -0.84 5.28 -11.43
CA TYR A 386 -1.06 6.39 -10.47
C TYR A 386 -0.37 7.61 -10.99
N THR A 387 -1.03 8.75 -10.97
CA THR A 387 -0.49 9.94 -11.60
C THR A 387 -0.71 11.15 -10.70
N ASN A 388 0.25 12.09 -10.76
CA ASN A 388 0.14 13.37 -10.03
C ASN A 388 -0.05 13.14 -8.53
N LEU A 389 0.80 12.34 -7.94
CA LEU A 389 0.76 12.20 -6.47
C LEU A 389 1.01 13.57 -5.87
N ARG A 390 0.16 13.95 -4.90
CA ARG A 390 0.26 15.32 -4.37
C ARG A 390 -0.35 15.36 -2.99
N TRP A 391 0.21 16.18 -2.14
CA TRP A 391 -0.29 16.26 -0.77
C TRP A 391 -0.03 17.63 -0.23
N GLY A 392 -0.82 18.00 0.78
CA GLY A 392 -0.66 19.31 1.42
C GLY A 392 -1.95 19.75 2.06
N GLU A 393 -2.16 21.06 2.02
CA GLU A 393 -3.21 21.69 2.77
C GLU A 393 -4.59 21.20 2.34
N ILE A 394 -5.48 21.06 3.33
CA ILE A 394 -6.89 20.71 3.04
C ILE A 394 -7.47 21.66 2.04
N GLY A 395 -8.09 21.12 1.00
CA GLY A 395 -8.73 21.91 -0.05
C GLY A 395 -7.78 22.40 -1.10
N SER A 396 -6.49 22.04 -1.12
CA SER A 396 -5.55 22.62 -2.05
C SER A 396 -5.12 21.71 -3.17
N THR A 397 -5.46 20.43 -3.14
CA THR A 397 -4.90 19.47 -4.10
C THR A 397 -5.75 19.26 -5.33
N TYR A 398 -6.94 19.87 -5.39
CA TYR A 398 -7.89 19.63 -6.50
C TYR A 398 -8.53 20.94 -6.90
N GLN A 399 -9.13 20.97 -7.98
CA GLN A 399 -9.55 22.17 -8.78
C GLN A 399 -10.69 21.65 -9.69
N GLU A 400 -11.87 22.20 -9.58
CA GLU A 400 -12.98 21.91 -10.44
C GLU A 400 -12.86 22.80 -11.68
N LEU A 401 -13.36 22.36 -12.82
CA LEU A 401 -13.40 23.21 -14.02
C LEU A 401 -14.31 24.42 -13.75
N GLN A 402 -13.97 25.60 -14.31
CA GLN A 402 -14.65 26.93 -14.17
C GLN A 402 -15.45 27.34 -15.41
#